data_3OBY
#
_entry.id   3OBY
#
_cell.length_a   136.237
_cell.length_b   66.685
_cell.length_c   98.380
_cell.angle_alpha   90.00
_cell.angle_beta   107.29
_cell.angle_gamma   90.00
#
_symmetry.space_group_name_H-M   'C 1 2 1'
#
loop_
_entity.id
_entity.type
_entity.pdbx_description
1 polymer 'Protein pelota homolog'
2 water water
#
_entity_poly.entity_id   1
_entity_poly.type   'polypeptide(L)'
_entity_poly.pdbx_seq_one_letter_code
;MQIVEENLRDNEGEIKLIPETLDDLWHLRFIIEKGDVVFATTKRASQSSDKLRSDKEMVTVRLGIEVEKVEFHRFANRLR
VSGKIVAGIEESGYHTLNITVGKELSIIKKWKPEQLERLRRAVEDSNRPEIVMLTIEEGYAVAGVLRQWGVEEIFEERMG
YGKGMGDSRKEFFGEVAAKLESFDFKYLIVAGPGFAKNDFLDFLKERYPEMAKNAVVVDVSSVGSRGFIEILKRRVVDKI
VGEVRLAEEAEYIDRLLEGIAKGERVAYGLDEVREAHNYRAIEVLLVADEFLLEEREKWDVDGLLREVEESGGKVVIMST
EFEPGKRLMSLGGIAALLRFNVKGLEHHHHHH
;
_entity_poly.pdbx_strand_id   A,B
#
# COMPACT_ATOMS: atom_id res chain seq x y z
N MET A 1 -3.31 6.42 -20.98
CA MET A 1 -3.25 6.27 -22.46
C MET A 1 -2.19 7.22 -23.03
N GLN A 2 -1.18 6.66 -23.65
CA GLN A 2 -0.13 7.45 -24.26
C GLN A 2 -0.29 7.41 -25.78
N ILE A 3 -0.21 8.56 -26.42
CA ILE A 3 -0.31 8.62 -27.86
C ILE A 3 1.10 8.88 -28.34
N VAL A 4 1.77 7.83 -28.80
CA VAL A 4 3.14 7.93 -29.28
C VAL A 4 3.23 8.78 -30.55
N GLU A 5 2.31 8.54 -31.47
CA GLU A 5 2.31 9.29 -32.71
C GLU A 5 1.10 8.98 -33.59
N GLU A 6 0.79 9.89 -34.50
CA GLU A 6 -0.32 9.74 -35.43
C GLU A 6 0.00 10.47 -36.73
N ASN A 7 -0.55 9.98 -37.83
CA ASN A 7 -0.35 10.58 -39.13
C ASN A 7 -1.67 10.62 -39.88
N LEU A 8 -2.74 10.90 -39.14
CA LEU A 8 -4.06 10.96 -39.74
C LEU A 8 -4.16 12.02 -40.82
N ARG A 9 -4.77 11.64 -41.93
CA ARG A 9 -4.99 12.52 -43.06
C ARG A 9 -6.44 12.24 -43.42
N ASP A 10 -7.28 13.28 -43.36
CA ASP A 10 -8.70 13.12 -43.65
C ASP A 10 -9.26 12.02 -42.74
N ASN A 11 -8.94 12.14 -41.45
CA ASN A 11 -9.38 11.22 -40.41
C ASN A 11 -8.99 9.76 -40.58
N GLU A 12 -8.14 9.47 -41.56
CA GLU A 12 -7.69 8.11 -41.81
C GLU A 12 -6.18 8.07 -41.69
N GLY A 13 -5.68 7.00 -41.06
CA GLY A 13 -4.25 6.88 -40.89
C GLY A 13 -3.92 6.00 -39.71
N GLU A 14 -2.67 6.09 -39.25
CA GLU A 14 -2.24 5.27 -38.13
C GLU A 14 -2.02 6.07 -36.85
N ILE A 15 -2.43 5.45 -35.74
CA ILE A 15 -2.26 6.04 -34.42
C ILE A 15 -1.53 4.99 -33.60
N LYS A 16 -0.36 5.36 -33.10
CA LYS A 16 0.45 4.45 -32.30
C LYS A 16 0.29 4.91 -30.85
N LEU A 17 -0.23 4.01 -30.01
CA LEU A 17 -0.48 4.34 -28.61
C LEU A 17 -0.19 3.23 -27.61
N ILE A 18 -0.29 3.57 -26.34
CA ILE A 18 -0.04 2.62 -25.26
C ILE A 18 -1.09 2.74 -24.15
N PRO A 19 -1.83 1.65 -23.88
CA PRO A 19 -2.85 1.72 -22.82
C PRO A 19 -2.12 1.58 -21.49
N GLU A 20 -2.47 2.44 -20.53
CA GLU A 20 -1.80 2.43 -19.23
C GLU A 20 -2.72 1.97 -18.09
N THR A 21 -4.00 1.77 -18.41
CA THR A 21 -4.97 1.35 -17.41
C THR A 21 -5.98 0.38 -18.00
N LEU A 22 -6.70 -0.31 -17.11
CA LEU A 22 -7.70 -1.25 -17.56
C LEU A 22 -8.80 -0.47 -18.31
N ASP A 23 -8.96 0.81 -17.96
CA ASP A 23 -9.94 1.68 -18.62
C ASP A 23 -9.55 1.75 -20.10
N ASP A 24 -8.27 2.07 -20.32
CA ASP A 24 -7.71 2.20 -21.64
C ASP A 24 -7.90 0.90 -22.41
N LEU A 25 -7.45 -0.20 -21.81
CA LEU A 25 -7.57 -1.50 -22.45
C LEU A 25 -9.01 -1.81 -22.82
N TRP A 26 -9.94 -1.46 -21.94
CA TRP A 26 -11.35 -1.69 -22.19
C TRP A 26 -11.84 -0.84 -23.38
N HIS A 27 -11.38 0.41 -23.47
CA HIS A 27 -11.82 1.26 -24.57
C HIS A 27 -11.24 0.80 -25.91
N LEU A 28 -9.97 0.42 -25.91
CA LEU A 28 -9.30 -0.04 -27.13
C LEU A 28 -10.03 -1.22 -27.75
N ARG A 29 -10.58 -2.08 -26.90
CA ARG A 29 -11.33 -3.26 -27.34
C ARG A 29 -12.53 -2.90 -28.21
N PHE A 30 -13.11 -1.73 -27.98
CA PHE A 30 -14.25 -1.30 -28.78
C PHE A 30 -13.83 -0.31 -29.85
N ILE A 31 -12.61 0.21 -29.71
CA ILE A 31 -12.06 1.14 -30.70
C ILE A 31 -11.56 0.31 -31.88
N ILE A 32 -10.77 -0.72 -31.58
CA ILE A 32 -10.25 -1.62 -32.62
C ILE A 32 -11.42 -2.41 -33.18
N GLU A 33 -11.55 -2.44 -34.50
CA GLU A 33 -12.66 -3.15 -35.13
C GLU A 33 -12.24 -4.15 -36.19
N LYS A 34 -13.14 -5.10 -36.47
CA LYS A 34 -12.87 -6.10 -37.49
C LYS A 34 -12.78 -5.31 -38.77
N GLY A 35 -11.63 -5.41 -39.44
CA GLY A 35 -11.42 -4.70 -40.68
C GLY A 35 -10.23 -3.77 -40.57
N ASP A 36 -9.94 -3.30 -39.36
CA ASP A 36 -8.82 -2.41 -39.15
C ASP A 36 -7.50 -3.17 -39.31
N VAL A 37 -6.40 -2.48 -39.10
CA VAL A 37 -5.09 -3.11 -39.17
C VAL A 37 -4.35 -2.73 -37.90
N VAL A 38 -3.83 -3.73 -37.21
CA VAL A 38 -3.12 -3.52 -35.96
C VAL A 38 -1.69 -4.04 -36.01
N PHE A 39 -0.74 -3.21 -35.59
CA PHE A 39 0.68 -3.57 -35.54
C PHE A 39 1.12 -3.65 -34.09
N ALA A 40 1.84 -4.71 -33.75
CA ALA A 40 2.34 -4.91 -32.39
C ALA A 40 3.47 -5.93 -32.45
N THR A 41 4.37 -5.89 -31.47
CA THR A 41 5.45 -6.86 -31.45
C THR A 41 4.92 -8.16 -30.81
N THR A 42 5.34 -9.29 -31.37
CA THR A 42 4.84 -10.57 -30.89
C THR A 42 5.82 -11.68 -31.02
N LYS A 43 5.44 -12.92 -30.72
CA LYS A 43 6.50 -13.67 -31.29
C LYS A 43 6.19 -14.92 -32.11
N VAL A 59 13.30 -13.20 -29.53
CA VAL A 59 13.08 -12.57 -30.82
C VAL A 59 11.71 -12.21 -31.33
N THR A 60 11.09 -11.17 -30.76
CA THR A 60 9.82 -10.67 -31.28
C THR A 60 10.08 -10.14 -32.73
N VAL A 61 9.01 -9.73 -33.40
CA VAL A 61 9.09 -9.32 -34.80
C VAL A 61 8.15 -8.19 -35.28
N ARG A 62 7.14 -7.88 -34.49
CA ARG A 62 6.19 -6.81 -34.85
C ARG A 62 5.49 -7.03 -36.19
N LEU A 63 4.34 -7.67 -36.13
CA LEU A 63 3.57 -7.95 -37.33
C LEU A 63 2.41 -6.99 -37.43
N GLY A 64 1.68 -7.12 -38.52
CA GLY A 64 0.52 -6.30 -38.76
C GLY A 64 -0.55 -7.29 -39.17
N ILE A 65 -1.76 -7.14 -38.64
CA ILE A 65 -2.82 -8.05 -38.99
C ILE A 65 -4.12 -7.32 -39.29
N GLU A 66 -4.88 -7.84 -40.25
CA GLU A 66 -6.17 -7.25 -40.60
C GLU A 66 -7.16 -7.94 -39.67
N VAL A 67 -7.45 -7.28 -38.56
CA VAL A 67 -8.34 -7.79 -37.54
C VAL A 67 -9.58 -8.53 -38.05
N GLU A 68 -9.76 -9.77 -37.59
CA GLU A 68 -10.92 -10.54 -37.97
C GLU A 68 -11.74 -10.85 -36.72
N LYS A 69 -11.13 -10.61 -35.55
CA LYS A 69 -11.78 -10.84 -34.26
C LYS A 69 -11.09 -10.06 -33.14
N VAL A 70 -11.88 -9.56 -32.21
CA VAL A 70 -11.38 -8.80 -31.06
C VAL A 70 -12.14 -9.28 -29.85
N GLU A 71 -11.43 -9.64 -28.79
CA GLU A 71 -12.11 -10.14 -27.61
C GLU A 71 -11.23 -10.13 -26.38
N PHE A 72 -11.86 -10.00 -25.21
CA PHE A 72 -11.15 -10.01 -23.94
C PHE A 72 -10.80 -11.44 -23.58
N HIS A 73 -9.69 -11.62 -22.89
CA HIS A 73 -9.29 -12.92 -22.41
C HIS A 73 -10.24 -13.26 -21.28
N ARG A 74 -10.31 -14.52 -20.88
CA ARG A 74 -11.22 -14.91 -19.81
C ARG A 74 -10.56 -15.00 -18.45
N PHE A 75 -9.26 -15.22 -18.42
CA PHE A 75 -8.56 -15.39 -17.16
C PHE A 75 -7.41 -14.43 -16.94
N ALA A 76 -7.54 -13.24 -17.50
CA ALA A 76 -6.52 -12.20 -17.36
C ALA A 76 -6.96 -10.94 -18.08
N ASN A 77 -6.35 -9.83 -17.69
CA ASN A 77 -6.66 -8.54 -18.30
C ASN A 77 -5.83 -8.41 -19.57
N ARG A 78 -6.29 -9.04 -20.64
CA ARG A 78 -5.60 -9.02 -21.93
C ARG A 78 -6.61 -9.00 -23.06
N LEU A 79 -6.32 -8.21 -24.08
CA LEU A 79 -7.19 -8.08 -25.24
C LEU A 79 -6.62 -8.93 -26.36
N ARG A 80 -7.40 -9.90 -26.84
CA ARG A 80 -6.91 -10.76 -27.93
C ARG A 80 -7.37 -10.27 -29.28
N VAL A 81 -6.41 -9.84 -30.10
CA VAL A 81 -6.69 -9.36 -31.45
C VAL A 81 -6.11 -10.33 -32.46
N SER A 82 -6.97 -10.89 -33.29
CA SER A 82 -6.52 -11.85 -34.28
C SER A 82 -6.99 -11.52 -35.69
N GLY A 83 -6.20 -11.92 -36.67
CA GLY A 83 -6.55 -11.67 -38.06
C GLY A 83 -5.53 -12.24 -39.03
N LYS A 84 -5.70 -11.90 -40.30
CA LYS A 84 -4.82 -12.35 -41.37
C LYS A 84 -3.60 -11.43 -41.48
N ILE A 85 -2.42 -11.99 -41.27
CA ILE A 85 -1.18 -11.22 -41.34
C ILE A 85 -1.18 -10.42 -42.64
N VAL A 86 -0.82 -9.14 -42.55
CA VAL A 86 -0.81 -8.30 -43.74
C VAL A 86 0.58 -7.77 -44.03
N ALA A 87 1.26 -7.34 -42.97
CA ALA A 87 2.61 -6.80 -43.11
C ALA A 87 3.49 -7.31 -41.99
N GLY A 88 4.79 -7.04 -42.10
CA GLY A 88 5.73 -7.49 -41.09
C GLY A 88 6.32 -8.85 -41.42
N GLY A 93 -0.48 -15.92 -43.98
CA GLY A 93 -0.69 -16.58 -42.71
C GLY A 93 -1.54 -15.75 -41.76
N TYR A 94 -1.88 -16.35 -40.63
CA TYR A 94 -2.70 -15.68 -39.63
C TYR A 94 -1.94 -15.58 -38.32
N HIS A 95 -2.29 -14.60 -37.50
CA HIS A 95 -1.60 -14.39 -36.23
C HIS A 95 -2.48 -13.69 -35.20
N THR A 96 -2.08 -13.77 -33.94
CA THR A 96 -2.82 -13.14 -32.85
C THR A 96 -1.95 -12.18 -32.04
N LEU A 97 -2.46 -10.98 -31.82
CA LEU A 97 -1.73 -9.99 -31.03
C LEU A 97 -2.47 -9.89 -29.69
N ASN A 98 -1.73 -10.03 -28.59
CA ASN A 98 -2.34 -9.93 -27.26
C ASN A 98 -1.95 -8.60 -26.62
N ILE A 99 -2.92 -7.69 -26.50
CA ILE A 99 -2.66 -6.40 -25.90
C ILE A 99 -2.86 -6.35 -24.39
N THR A 100 -1.86 -5.86 -23.68
CA THR A 100 -1.96 -5.71 -22.22
C THR A 100 -1.54 -4.27 -21.88
N VAL A 101 -1.82 -3.82 -20.65
CA VAL A 101 -1.44 -2.47 -20.25
C VAL A 101 0.07 -2.30 -20.42
N GLY A 102 0.49 -1.10 -20.79
CA GLY A 102 1.91 -0.84 -20.98
C GLY A 102 2.51 -1.28 -22.30
N LYS A 103 1.75 -2.01 -23.11
CA LYS A 103 2.26 -2.47 -24.40
C LYS A 103 1.85 -1.54 -25.52
N GLU A 104 2.79 -1.28 -26.43
CA GLU A 104 2.52 -0.42 -27.54
C GLU A 104 1.86 -1.15 -28.69
N LEU A 105 1.03 -0.44 -29.44
CA LEU A 105 0.36 -0.99 -30.58
C LEU A 105 -0.06 0.17 -31.50
N SER A 106 -0.20 -0.14 -32.79
CA SER A 106 -0.60 0.83 -33.79
C SER A 106 -1.89 0.38 -34.44
N ILE A 107 -2.86 1.28 -34.49
CA ILE A 107 -4.14 1.02 -35.10
C ILE A 107 -4.18 1.88 -36.36
N ILE A 108 -4.50 1.26 -37.49
CA ILE A 108 -4.57 1.96 -38.76
C ILE A 108 -5.96 1.71 -39.32
N LYS A 109 -6.71 2.79 -39.49
CA LYS A 109 -8.08 2.72 -40.01
C LYS A 109 -8.57 4.12 -40.34
N LYS A 110 -9.85 4.19 -40.68
CA LYS A 110 -10.50 5.46 -40.94
C LYS A 110 -11.14 5.67 -39.58
N TRP A 111 -10.82 6.78 -38.93
CA TRP A 111 -11.36 7.04 -37.60
C TRP A 111 -12.68 7.80 -37.56
N LYS A 112 -13.57 7.37 -36.67
CA LYS A 112 -14.86 8.03 -36.49
C LYS A 112 -14.66 9.02 -35.35
N PRO A 113 -15.41 10.11 -35.35
CA PRO A 113 -15.28 11.12 -34.29
C PRO A 113 -15.40 10.55 -32.87
N GLU A 114 -16.32 9.61 -32.65
CA GLU A 114 -16.51 9.02 -31.33
C GLU A 114 -15.22 8.46 -30.75
N GLN A 115 -14.50 7.70 -31.56
CA GLN A 115 -13.25 7.06 -31.16
C GLN A 115 -12.16 8.10 -30.91
N LEU A 116 -12.09 9.08 -31.79
CA LEU A 116 -11.08 10.13 -31.62
C LEU A 116 -11.39 10.89 -30.35
N GLU A 117 -12.67 11.06 -30.05
CA GLU A 117 -13.07 11.76 -28.83
C GLU A 117 -12.63 10.96 -27.62
N ARG A 118 -13.01 9.69 -27.60
CA ARG A 118 -12.66 8.79 -26.52
C ARG A 118 -11.16 8.77 -26.29
N LEU A 119 -10.39 8.89 -27.37
CA LEU A 119 -8.95 8.87 -27.21
C LEU A 119 -8.48 10.14 -26.51
N ARG A 120 -9.10 11.27 -26.84
CA ARG A 120 -8.73 12.53 -26.19
C ARG A 120 -9.05 12.42 -24.70
N ARG A 121 -10.23 11.90 -24.39
CA ARG A 121 -10.62 11.75 -23.00
C ARG A 121 -9.66 10.83 -22.27
N ALA A 122 -9.34 9.70 -22.92
CA ALA A 122 -8.41 8.74 -22.33
C ALA A 122 -7.13 9.49 -21.93
N VAL A 123 -6.69 10.38 -22.82
CA VAL A 123 -5.49 11.18 -22.58
C VAL A 123 -5.74 12.18 -21.48
N GLU A 124 -6.92 12.82 -21.50
CA GLU A 124 -7.28 13.78 -20.47
C GLU A 124 -7.53 13.06 -19.16
N ASP A 125 -7.20 11.77 -19.11
CA ASP A 125 -7.38 10.94 -17.90
C ASP A 125 -6.04 10.50 -17.32
N SER A 126 -5.03 10.47 -18.18
CA SER A 126 -3.69 10.05 -17.78
C SER A 126 -2.70 11.21 -17.68
N ASN A 127 -3.20 12.40 -17.39
CA ASN A 127 -2.36 13.59 -17.25
C ASN A 127 -1.22 13.35 -16.27
N ARG A 128 -0.03 13.76 -16.67
CA ARG A 128 1.17 13.62 -15.87
C ARG A 128 1.36 14.84 -14.98
N PRO A 129 1.70 14.63 -13.71
CA PRO A 129 1.89 15.74 -12.77
C PRO A 129 3.23 16.39 -13.05
N GLU A 130 3.41 17.62 -12.61
CA GLU A 130 4.68 18.32 -12.84
C GLU A 130 5.75 17.52 -12.10
N ILE A 131 6.68 16.96 -12.86
CA ILE A 131 7.76 16.15 -12.29
C ILE A 131 9.14 16.83 -12.35
N VAL A 132 9.85 16.80 -11.22
CA VAL A 132 11.18 17.38 -11.16
C VAL A 132 12.21 16.29 -10.82
N MET A 133 13.30 16.28 -11.58
CA MET A 133 14.35 15.31 -11.35
C MET A 133 15.58 16.01 -10.79
N LEU A 134 16.17 15.41 -9.76
CA LEU A 134 17.35 15.97 -9.10
C LEU A 134 18.44 14.94 -8.94
N THR A 135 19.56 15.17 -9.62
CA THR A 135 20.70 14.26 -9.51
C THR A 135 21.64 14.97 -8.53
N ILE A 136 22.10 14.24 -7.53
CA ILE A 136 22.97 14.84 -6.53
C ILE A 136 24.09 13.93 -6.08
N GLU A 137 25.23 14.55 -5.80
CA GLU A 137 26.43 13.86 -5.34
C GLU A 137 27.14 14.89 -4.48
N GLU A 138 28.05 14.43 -3.62
CA GLU A 138 28.78 15.34 -2.74
C GLU A 138 29.12 16.68 -3.39
N GLY A 139 28.64 17.76 -2.79
CA GLY A 139 28.91 19.10 -3.28
C GLY A 139 28.44 19.50 -4.66
N TYR A 140 27.50 18.75 -5.23
CA TYR A 140 27.02 19.09 -6.57
C TYR A 140 25.62 18.55 -6.85
N ALA A 141 24.78 19.39 -7.46
CA ALA A 141 23.41 19.01 -7.78
C ALA A 141 22.89 19.72 -9.01
N VAL A 142 22.04 19.02 -9.75
CA VAL A 142 21.43 19.55 -10.96
C VAL A 142 20.00 19.06 -11.03
N ALA A 143 19.07 19.97 -11.30
CA ALA A 143 17.68 19.61 -11.38
C ALA A 143 17.08 20.03 -12.70
N GLY A 144 16.12 19.23 -13.16
CA GLY A 144 15.45 19.52 -14.41
C GLY A 144 13.99 19.15 -14.22
N VAL A 145 13.14 19.71 -15.08
CA VAL A 145 11.72 19.42 -15.01
C VAL A 145 11.39 18.69 -16.30
N LEU A 146 10.38 17.82 -16.24
CA LEU A 146 9.98 17.07 -17.41
C LEU A 146 9.12 17.93 -18.33
N ARG A 147 9.40 17.84 -19.62
CA ARG A 147 8.67 18.60 -20.62
C ARG A 147 8.47 17.67 -21.80
N GLN A 148 7.67 18.07 -22.78
CA GLN A 148 7.42 17.21 -23.93
C GLN A 148 8.68 16.70 -24.62
N TRP A 149 9.68 17.57 -24.80
CA TRP A 149 10.92 17.19 -25.49
C TRP A 149 11.98 16.54 -24.61
N GLY A 150 11.69 16.36 -23.32
CA GLY A 150 12.65 15.74 -22.43
C GLY A 150 12.85 16.52 -21.14
N VAL A 151 13.92 16.21 -20.41
CA VAL A 151 14.20 16.89 -19.14
C VAL A 151 14.88 18.22 -19.41
N GLU A 152 14.30 19.28 -18.86
CA GLU A 152 14.80 20.64 -19.02
C GLU A 152 15.43 21.15 -17.71
N GLU A 153 16.75 21.25 -17.67
CA GLU A 153 17.46 21.73 -16.47
C GLU A 153 16.86 23.02 -15.90
N ILE A 154 16.67 23.08 -14.59
CA ILE A 154 16.12 24.26 -13.94
C ILE A 154 17.11 24.99 -13.04
N PHE A 155 18.08 24.25 -12.50
CA PHE A 155 19.11 24.87 -11.66
C PHE A 155 20.27 23.94 -11.34
N GLU A 156 21.31 24.54 -10.79
CA GLU A 156 22.52 23.83 -10.39
C GLU A 156 22.94 24.36 -9.02
N GLU A 157 23.81 23.63 -8.35
CA GLU A 157 24.29 24.04 -7.04
C GLU A 157 25.56 23.26 -6.74
N ARG A 158 26.61 23.98 -6.33
CA ARG A 158 27.86 23.33 -6.00
C ARG A 158 28.22 23.56 -4.54
N MET A 159 28.94 22.62 -3.96
CA MET A 159 29.35 22.69 -2.56
C MET A 159 29.81 24.10 -2.21
N SER A 168 31.69 17.53 8.72
CA SER A 168 31.55 18.99 8.70
C SER A 168 30.18 19.43 8.20
N ARG A 169 29.95 20.74 8.21
CA ARG A 169 28.69 21.34 7.77
C ARG A 169 28.59 21.51 6.26
N LYS A 170 27.57 20.91 5.66
CA LYS A 170 27.32 21.00 4.22
C LYS A 170 26.41 22.19 3.94
N GLU A 171 25.16 22.04 4.36
CA GLU A 171 24.14 23.06 4.15
C GLU A 171 23.97 23.34 2.68
N PHE A 172 24.58 22.45 1.89
CA PHE A 172 24.52 22.49 0.45
C PHE A 172 23.07 22.08 0.19
N PHE A 173 22.61 21.12 1.02
CA PHE A 173 21.26 20.57 0.97
C PHE A 173 20.21 21.67 1.11
N GLY A 174 20.31 22.43 2.20
CA GLY A 174 19.36 23.50 2.43
C GLY A 174 19.16 24.38 1.23
N GLU A 175 20.26 24.74 0.56
CA GLU A 175 20.21 25.59 -0.61
C GLU A 175 19.47 24.91 -1.76
N VAL A 176 19.76 23.63 -1.98
CA VAL A 176 19.11 22.87 -3.04
C VAL A 176 17.62 22.80 -2.75
N ALA A 177 17.30 22.42 -1.52
CA ALA A 177 15.91 22.29 -1.10
C ALA A 177 15.13 23.58 -1.29
N ALA A 178 15.76 24.71 -1.01
CA ALA A 178 15.08 26.01 -1.10
C ALA A 178 14.76 26.33 -2.55
N LYS A 179 15.64 25.91 -3.45
CA LYS A 179 15.29 26.26 -4.78
C LYS A 179 14.34 25.20 -5.34
N LEU A 180 14.46 23.95 -4.93
CA LEU A 180 13.46 23.05 -5.43
C LEU A 180 12.06 23.61 -4.98
N GLU A 181 12.00 24.05 -3.73
CA GLU A 181 10.75 24.55 -3.14
C GLU A 181 10.16 25.76 -3.87
N SER A 182 11.02 26.55 -4.50
CA SER A 182 10.55 27.73 -5.22
C SER A 182 10.16 27.46 -6.67
N PHE A 183 10.59 26.32 -7.23
CA PHE A 183 10.25 26.00 -8.62
C PHE A 183 8.79 25.57 -8.79
N ASP A 184 8.26 24.87 -7.79
CA ASP A 184 6.86 24.44 -7.81
C ASP A 184 6.59 23.23 -8.71
N PHE A 185 6.43 22.07 -8.07
CA PHE A 185 6.17 20.81 -8.74
C PHE A 185 5.46 19.92 -7.74
N LYS A 186 5.12 18.70 -8.13
CA LYS A 186 4.46 17.81 -7.19
C LYS A 186 5.28 16.58 -6.84
N TYR A 187 5.99 16.02 -7.80
CA TYR A 187 6.79 14.84 -7.52
C TYR A 187 8.26 15.06 -7.82
N LEU A 188 9.10 14.55 -6.94
CA LEU A 188 10.53 14.67 -7.07
C LEU A 188 11.22 13.31 -7.21
N ILE A 189 12.09 13.21 -8.19
CA ILE A 189 12.85 11.98 -8.39
C ILE A 189 14.25 12.41 -7.95
N VAL A 190 14.80 11.71 -6.96
CA VAL A 190 16.12 12.03 -6.44
C VAL A 190 17.08 10.89 -6.75
N ALA A 191 18.04 11.14 -7.64
CA ALA A 191 19.01 10.12 -8.02
C ALA A 191 20.43 10.65 -7.89
N GLY A 192 21.40 9.76 -8.06
CA GLY A 192 22.80 10.15 -7.96
C GLY A 192 23.68 9.05 -7.39
N PRO A 193 25.01 9.24 -7.43
CA PRO A 193 25.94 8.24 -6.92
C PRO A 193 26.09 8.28 -5.40
N GLY A 194 26.17 7.10 -4.80
CA GLY A 194 26.36 6.99 -3.38
C GLY A 194 25.15 7.28 -2.54
N PHE A 195 25.42 7.96 -1.44
CA PHE A 195 24.36 8.25 -0.49
C PHE A 195 23.98 9.70 -0.42
N ALA A 196 24.59 10.55 -1.20
CA ALA A 196 24.15 11.90 -1.08
C ALA A 196 22.58 12.00 -1.21
N LYS A 197 22.06 11.32 -2.22
CA LYS A 197 20.63 11.37 -2.50
C LYS A 197 19.85 10.91 -1.28
N ASN A 198 20.34 9.85 -0.66
CA ASN A 198 19.69 9.30 0.52
C ASN A 198 19.64 10.33 1.65
N ASP A 199 20.80 10.81 2.08
CA ASP A 199 20.84 11.79 3.16
C ASP A 199 20.02 13.03 2.83
N PHE A 200 19.96 13.39 1.54
CA PHE A 200 19.19 14.56 1.12
C PHE A 200 17.71 14.34 1.43
N LEU A 201 17.19 13.18 1.06
CA LEU A 201 15.79 12.87 1.31
C LEU A 201 15.51 12.97 2.81
N ASP A 202 16.39 12.42 3.62
CA ASP A 202 16.22 12.49 5.08
C ASP A 202 16.15 13.97 5.45
N PHE A 203 17.02 14.77 4.85
CA PHE A 203 17.07 16.20 5.09
C PHE A 203 15.70 16.80 4.77
N LEU A 204 15.07 16.30 3.71
CA LEU A 204 13.76 16.80 3.30
C LEU A 204 12.68 16.29 4.26
N LYS A 205 12.81 15.03 4.66
CA LYS A 205 11.84 14.44 5.57
C LYS A 205 11.78 15.24 6.87
N GLU A 206 12.87 15.89 7.23
CA GLU A 206 12.92 16.68 8.45
C GLU A 206 12.65 18.17 8.27
N ARG A 207 13.21 18.76 7.22
CA ARG A 207 13.03 20.19 6.97
C ARG A 207 11.85 20.50 6.05
N TYR A 208 11.56 19.60 5.12
CA TYR A 208 10.46 19.83 4.17
C TYR A 208 9.56 18.60 4.02
N PRO A 209 8.80 18.26 5.08
CA PRO A 209 7.91 17.10 5.07
C PRO A 209 6.92 17.01 3.90
N GLU A 210 6.40 18.14 3.45
CA GLU A 210 5.45 18.14 2.35
C GLU A 210 6.10 17.77 1.02
N MET A 211 7.34 18.20 0.84
CA MET A 211 8.05 17.90 -0.39
C MET A 211 8.55 16.46 -0.34
N ALA A 212 8.97 16.03 0.84
CA ALA A 212 9.48 14.68 1.01
C ALA A 212 8.43 13.58 0.83
N LYS A 213 7.16 13.91 1.09
CA LYS A 213 6.09 12.92 0.97
C LYS A 213 5.85 12.52 -0.48
N ASN A 214 6.31 13.35 -1.40
CA ASN A 214 6.15 13.07 -2.83
C ASN A 214 7.50 13.00 -3.51
N ALA A 215 8.51 12.51 -2.80
CA ALA A 215 9.85 12.38 -3.34
C ALA A 215 10.31 10.93 -3.24
N VAL A 216 11.02 10.46 -4.26
CA VAL A 216 11.53 9.09 -4.27
C VAL A 216 12.98 9.04 -4.70
N VAL A 217 13.76 8.17 -4.06
CA VAL A 217 15.17 8.00 -4.39
C VAL A 217 15.35 6.77 -5.26
N VAL A 218 15.90 6.96 -6.45
CA VAL A 218 16.12 5.88 -7.40
C VAL A 218 17.58 5.42 -7.38
N ASP A 219 17.81 4.18 -7.82
CA ASP A 219 19.15 3.60 -7.83
C ASP A 219 20.12 4.23 -8.84
N VAL A 220 19.59 4.90 -9.85
CA VAL A 220 20.44 5.55 -10.86
C VAL A 220 21.68 6.21 -10.25
N SER A 221 22.83 6.00 -10.87
CA SER A 221 24.07 6.56 -10.38
C SER A 221 24.55 7.75 -11.19
N SER A 222 24.13 7.80 -12.46
CA SER A 222 24.51 8.87 -13.36
C SER A 222 24.19 10.22 -12.73
N VAL A 223 24.61 11.30 -13.37
CA VAL A 223 24.33 12.63 -12.85
C VAL A 223 24.07 13.56 -14.02
N GLY A 224 23.34 14.66 -13.76
CA GLY A 224 23.03 15.61 -14.82
C GLY A 224 22.35 14.97 -16.01
N SER A 225 22.69 15.45 -17.21
CA SER A 225 22.11 14.94 -18.46
C SER A 225 22.05 13.42 -18.49
N ARG A 226 23.19 12.78 -18.26
CA ARG A 226 23.28 11.32 -18.25
C ARG A 226 22.20 10.74 -17.35
N GLY A 227 22.16 11.25 -16.11
CA GLY A 227 21.18 10.79 -15.13
C GLY A 227 19.73 10.89 -15.58
N PHE A 228 19.32 12.07 -16.02
CA PHE A 228 17.95 12.26 -16.46
C PHE A 228 17.59 11.23 -17.52
N ILE A 229 18.51 10.98 -18.44
CA ILE A 229 18.28 10.02 -19.51
C ILE A 229 18.07 8.62 -18.92
N GLU A 230 18.88 8.26 -17.94
CA GLU A 230 18.74 6.96 -17.32
C GLU A 230 17.44 6.88 -16.54
N ILE A 231 17.07 7.96 -15.88
CA ILE A 231 15.83 8.00 -15.12
C ILE A 231 14.70 7.62 -16.08
N LEU A 232 14.62 8.32 -17.20
CA LEU A 232 13.58 8.08 -18.20
C LEU A 232 13.60 6.65 -18.70
N LYS A 233 14.78 6.06 -18.80
CA LYS A 233 14.92 4.70 -19.28
C LYS A 233 14.32 3.70 -18.29
N ARG A 234 14.52 3.97 -17.01
CA ARG A 234 14.01 3.10 -15.94
C ARG A 234 12.48 3.15 -15.74
N ARG A 235 11.81 3.98 -16.53
CA ARG A 235 10.35 4.13 -16.44
C ARG A 235 9.87 4.56 -15.04
N VAL A 236 10.71 5.31 -14.33
CA VAL A 236 10.37 5.79 -13.01
C VAL A 236 9.08 6.61 -13.13
N VAL A 237 9.05 7.52 -14.10
CA VAL A 237 7.88 8.35 -14.31
C VAL A 237 6.62 7.50 -14.45
N ASP A 238 6.72 6.43 -15.22
CA ASP A 238 5.59 5.53 -15.44
C ASP A 238 5.06 4.99 -14.12
N LYS A 239 5.95 4.74 -13.18
CA LYS A 239 5.54 4.26 -11.87
C LYS A 239 4.81 5.38 -11.12
N ILE A 240 5.33 6.60 -11.22
CA ILE A 240 4.69 7.73 -10.57
C ILE A 240 3.24 7.81 -11.05
N VAL A 241 3.06 7.83 -12.37
CA VAL A 241 1.73 7.90 -12.95
C VAL A 241 0.87 6.78 -12.39
N GLY A 242 1.46 5.58 -12.33
CA GLY A 242 0.74 4.45 -11.80
C GLY A 242 0.21 4.71 -10.41
N GLU A 243 1.02 5.36 -9.58
CA GLU A 243 0.59 5.65 -8.22
C GLU A 243 -0.49 6.74 -8.20
N VAL A 244 -0.35 7.73 -9.07
CA VAL A 244 -1.34 8.80 -9.15
C VAL A 244 -2.71 8.22 -9.52
N ARG A 245 -2.71 7.18 -10.34
CA ARG A 245 -3.95 6.54 -10.75
C ARG A 245 -4.56 5.77 -9.58
N LEU A 246 -3.75 4.98 -8.90
CA LEU A 246 -4.23 4.21 -7.77
C LEU A 246 -4.74 5.16 -6.70
N ALA A 247 -4.11 6.32 -6.59
CA ALA A 247 -4.52 7.32 -5.61
C ALA A 247 -5.94 7.84 -5.92
N GLU A 248 -6.27 7.94 -7.20
CA GLU A 248 -7.58 8.41 -7.62
C GLU A 248 -8.64 7.34 -7.36
N GLU A 249 -8.26 6.07 -7.51
CA GLU A 249 -9.19 4.98 -7.26
C GLU A 249 -9.55 4.91 -5.79
N ALA A 250 -8.56 5.13 -4.93
CA ALA A 250 -8.78 5.10 -3.49
C ALA A 250 -9.73 6.24 -3.13
N GLU A 251 -9.59 7.35 -3.84
CA GLU A 251 -10.43 8.53 -3.63
C GLU A 251 -11.86 8.25 -4.06
N TYR A 252 -12.03 7.40 -5.06
CA TYR A 252 -13.37 7.04 -5.50
C TYR A 252 -13.97 6.10 -4.45
N ILE A 253 -13.14 5.26 -3.87
CA ILE A 253 -13.60 4.34 -2.85
C ILE A 253 -14.01 5.13 -1.61
N ASP A 254 -13.29 6.21 -1.32
CA ASP A 254 -13.62 7.04 -0.16
C ASP A 254 -14.95 7.75 -0.37
N ARG A 255 -15.15 8.29 -1.57
CA ARG A 255 -16.40 8.97 -1.86
C ARG A 255 -17.55 7.99 -1.73
N LEU A 256 -17.39 6.78 -2.28
CA LEU A 256 -18.44 5.77 -2.19
C LEU A 256 -18.71 5.46 -0.72
N LEU A 257 -17.66 5.41 0.09
CA LEU A 257 -17.82 5.13 1.51
C LEU A 257 -18.55 6.25 2.24
N GLU A 258 -18.13 7.49 2.02
CA GLU A 258 -18.78 8.64 2.67
C GLU A 258 -20.24 8.67 2.25
N GLY A 259 -20.49 8.33 1.00
CA GLY A 259 -21.85 8.29 0.50
C GLY A 259 -22.63 7.22 1.25
N ILE A 260 -22.00 6.07 1.45
CA ILE A 260 -22.64 4.98 2.17
C ILE A 260 -22.90 5.42 3.61
N ALA A 261 -21.97 6.19 4.15
CA ALA A 261 -22.09 6.68 5.52
C ALA A 261 -23.24 7.66 5.64
N LYS A 262 -23.30 8.63 4.72
CA LYS A 262 -24.36 9.62 4.73
C LYS A 262 -25.62 9.02 4.12
N GLY A 263 -25.47 7.82 3.54
CA GLY A 263 -26.61 7.18 2.88
C GLY A 263 -27.12 8.12 1.80
N GLU A 264 -26.20 8.64 0.99
CA GLU A 264 -26.54 9.62 -0.03
C GLU A 264 -25.88 9.43 -1.40
N ARG A 265 -26.72 9.35 -2.43
CA ARG A 265 -26.28 9.23 -3.82
C ARG A 265 -25.30 8.12 -4.19
N VAL A 266 -25.51 6.91 -3.66
CA VAL A 266 -24.63 5.81 -4.01
C VAL A 266 -25.38 4.52 -4.17
N ALA A 267 -24.77 3.60 -4.91
CA ALA A 267 -25.33 2.28 -5.13
C ALA A 267 -24.16 1.33 -5.17
N TYR A 268 -24.35 0.13 -4.66
CA TYR A 268 -23.30 -0.88 -4.68
C TYR A 268 -23.97 -2.23 -4.77
N GLY A 269 -23.37 -3.12 -5.53
CA GLY A 269 -23.95 -4.43 -5.74
C GLY A 269 -24.57 -4.28 -7.12
N LEU A 270 -24.55 -5.34 -7.91
CA LEU A 270 -25.10 -5.28 -9.26
C LEU A 270 -26.56 -4.85 -9.29
N ASP A 271 -27.38 -5.44 -8.43
CA ASP A 271 -28.80 -5.12 -8.39
C ASP A 271 -29.07 -3.65 -8.15
N GLU A 272 -28.41 -3.08 -7.15
CA GLU A 272 -28.60 -1.67 -6.83
C GLU A 272 -28.16 -0.81 -8.01
N VAL A 273 -27.00 -1.13 -8.58
CA VAL A 273 -26.45 -0.39 -9.72
C VAL A 273 -27.37 -0.47 -10.92
N ARG A 274 -27.93 -1.64 -11.18
CA ARG A 274 -28.84 -1.79 -12.31
C ARG A 274 -30.07 -0.94 -12.05
N GLU A 275 -30.51 -0.88 -10.79
CA GLU A 275 -31.70 -0.10 -10.43
C GLU A 275 -31.42 1.36 -10.72
N ALA A 276 -30.27 1.85 -10.27
CA ALA A 276 -29.90 3.24 -10.50
C ALA A 276 -29.74 3.52 -11.99
N HIS A 277 -29.18 2.56 -12.71
CA HIS A 277 -28.96 2.72 -14.14
C HIS A 277 -30.27 2.85 -14.90
N ASN A 278 -31.32 2.23 -14.38
CA ASN A 278 -32.63 2.30 -15.03
C ASN A 278 -33.11 3.74 -15.15
N TYR A 279 -32.59 4.59 -14.28
CA TYR A 279 -32.95 6.00 -14.28
C TYR A 279 -31.77 6.83 -14.76
N ARG A 280 -30.75 6.16 -15.29
CA ARG A 280 -29.55 6.83 -15.78
C ARG A 280 -29.02 7.84 -14.74
N ALA A 281 -28.99 7.37 -13.49
CA ALA A 281 -28.52 8.18 -12.38
C ALA A 281 -27.04 7.97 -12.11
N ILE A 282 -26.36 7.24 -12.97
CA ILE A 282 -24.94 6.99 -12.75
C ILE A 282 -24.01 8.04 -13.32
N GLU A 283 -23.32 8.72 -12.41
CA GLU A 283 -22.36 9.75 -12.76
C GLU A 283 -21.04 9.02 -12.94
N VAL A 284 -20.68 8.21 -11.95
CA VAL A 284 -19.43 7.48 -11.99
C VAL A 284 -19.66 6.03 -11.63
N LEU A 285 -19.39 5.13 -12.58
CA LEU A 285 -19.54 3.69 -12.37
C LEU A 285 -18.18 3.12 -11.97
N LEU A 286 -18.12 2.47 -10.81
CA LEU A 286 -16.87 1.88 -10.33
C LEU A 286 -16.96 0.36 -10.43
N VAL A 287 -15.99 -0.29 -11.06
CA VAL A 287 -16.05 -1.75 -11.22
C VAL A 287 -14.73 -2.46 -11.04
N ALA A 288 -14.78 -3.64 -10.41
CA ALA A 288 -13.57 -4.43 -10.17
C ALA A 288 -13.32 -5.33 -11.38
N ASP A 289 -12.07 -5.41 -11.80
CA ASP A 289 -11.73 -6.22 -12.95
C ASP A 289 -12.24 -7.65 -12.85
N GLU A 290 -12.14 -8.24 -11.65
CA GLU A 290 -12.62 -9.61 -11.46
C GLU A 290 -14.10 -9.70 -11.77
N PHE A 291 -14.84 -8.66 -11.40
CA PHE A 291 -16.27 -8.64 -11.62
C PHE A 291 -16.58 -8.74 -13.10
N LEU A 292 -15.89 -7.93 -13.90
CA LEU A 292 -16.13 -7.98 -15.34
C LEU A 292 -15.89 -9.37 -15.89
N LEU A 293 -14.77 -9.97 -15.52
CA LEU A 293 -14.42 -11.31 -15.98
C LEU A 293 -15.48 -12.36 -15.67
N GLU A 294 -15.97 -12.37 -14.43
CA GLU A 294 -16.99 -13.33 -14.02
C GLU A 294 -18.34 -13.07 -14.70
N GLU A 295 -18.74 -11.81 -14.75
CA GLU A 295 -20.02 -11.44 -15.33
C GLU A 295 -20.14 -11.57 -16.84
N ARG A 296 -19.04 -11.25 -17.55
CA ARG A 296 -19.04 -11.30 -19.00
C ARG A 296 -19.39 -12.71 -19.48
N GLU A 297 -19.20 -13.70 -18.59
CA GLU A 297 -19.51 -15.09 -18.88
C GLU A 297 -21.01 -15.34 -18.87
N LYS A 298 -21.74 -14.52 -18.12
CA LYS A 298 -23.18 -14.68 -17.97
C LYS A 298 -24.03 -13.71 -18.78
N TRP A 299 -23.56 -12.48 -18.94
CA TRP A 299 -24.32 -11.50 -19.73
C TRP A 299 -23.41 -10.40 -20.29
N ASP A 300 -23.96 -9.57 -21.16
CA ASP A 300 -23.20 -8.49 -21.79
C ASP A 300 -22.94 -7.36 -20.79
N VAL A 301 -22.13 -7.65 -19.78
CA VAL A 301 -21.78 -6.70 -18.75
C VAL A 301 -21.19 -5.42 -19.34
N ASP A 302 -20.48 -5.55 -20.45
CA ASP A 302 -19.87 -4.38 -21.10
C ASP A 302 -20.94 -3.42 -21.64
N GLY A 303 -22.14 -3.93 -21.91
CA GLY A 303 -23.20 -3.07 -22.41
C GLY A 303 -23.59 -2.04 -21.36
N LEU A 304 -23.55 -2.46 -20.10
CA LEU A 304 -23.88 -1.57 -19.00
C LEU A 304 -22.89 -0.42 -19.06
N LEU A 305 -21.60 -0.75 -19.15
CA LEU A 305 -20.55 0.25 -19.22
C LEU A 305 -20.70 1.21 -20.41
N ARG A 306 -21.05 0.69 -21.58
CA ARG A 306 -21.22 1.53 -22.76
C ARG A 306 -22.37 2.49 -22.49
N GLU A 307 -23.47 1.95 -21.94
CA GLU A 307 -24.66 2.74 -21.65
C GLU A 307 -24.40 3.85 -20.63
N VAL A 308 -23.56 3.58 -19.63
CA VAL A 308 -23.27 4.60 -18.64
C VAL A 308 -22.58 5.77 -19.33
N GLU A 309 -21.57 5.47 -20.15
CA GLU A 309 -20.83 6.49 -20.86
C GLU A 309 -21.74 7.20 -21.86
N GLU A 310 -22.49 6.44 -22.65
CA GLU A 310 -23.39 7.03 -23.61
C GLU A 310 -24.33 8.03 -22.95
N SER A 311 -24.42 7.96 -21.63
CA SER A 311 -25.27 8.87 -20.89
C SER A 311 -24.45 9.89 -20.11
N GLY A 312 -23.22 10.10 -20.55
CA GLY A 312 -22.35 11.06 -19.89
C GLY A 312 -21.66 10.56 -18.63
N GLY A 313 -21.82 9.29 -18.32
CA GLY A 313 -21.20 8.75 -17.13
C GLY A 313 -19.76 8.33 -17.35
N LYS A 314 -18.99 8.24 -16.27
CA LYS A 314 -17.60 7.83 -16.38
C LYS A 314 -17.43 6.41 -15.81
N VAL A 315 -16.63 5.60 -16.48
CA VAL A 315 -16.38 4.24 -16.02
C VAL A 315 -14.98 4.20 -15.41
N VAL A 316 -14.84 3.50 -14.29
CA VAL A 316 -13.56 3.36 -13.62
C VAL A 316 -13.35 1.88 -13.29
N ILE A 317 -12.44 1.24 -14.03
CA ILE A 317 -12.16 -0.17 -13.79
C ILE A 317 -10.91 -0.32 -12.93
N MET A 318 -11.11 -0.84 -11.72
CA MET A 318 -10.01 -1.03 -10.78
C MET A 318 -9.57 -2.48 -10.77
N SER A 319 -8.26 -2.68 -10.68
CA SER A 319 -7.69 -4.02 -10.65
C SER A 319 -7.62 -4.56 -9.24
N THR A 320 -8.21 -5.72 -9.02
CA THR A 320 -8.16 -6.34 -7.70
C THR A 320 -6.73 -6.68 -7.27
N GLU A 321 -5.75 -6.35 -8.11
CA GLU A 321 -4.35 -6.59 -7.78
C GLU A 321 -3.93 -5.60 -6.71
N PHE A 322 -4.62 -4.48 -6.65
CA PHE A 322 -4.31 -3.44 -5.67
C PHE A 322 -5.43 -3.29 -4.64
N GLU A 323 -5.20 -2.44 -3.64
CA GLU A 323 -6.19 -2.25 -2.58
C GLU A 323 -7.54 -1.70 -3.01
N PRO A 324 -7.58 -0.61 -3.78
CA PRO A 324 -8.88 -0.06 -4.18
C PRO A 324 -9.86 -1.08 -4.76
N GLY A 325 -9.40 -1.94 -5.66
CA GLY A 325 -10.25 -2.93 -6.26
C GLY A 325 -10.68 -4.01 -5.28
N LYS A 326 -9.79 -4.36 -4.35
CA LYS A 326 -10.10 -5.36 -3.34
C LYS A 326 -11.27 -4.84 -2.48
N ARG A 327 -11.18 -3.59 -2.05
CA ARG A 327 -12.23 -2.98 -1.25
C ARG A 327 -13.52 -3.04 -2.08
N LEU A 328 -13.45 -2.59 -3.32
CA LEU A 328 -14.62 -2.58 -4.18
C LEU A 328 -15.31 -3.96 -4.26
N MET A 329 -14.50 -5.01 -4.34
CA MET A 329 -15.03 -6.38 -4.40
C MET A 329 -15.79 -6.68 -3.13
N SER A 330 -15.22 -6.28 -2.00
CA SER A 330 -15.86 -6.51 -0.71
C SER A 330 -17.27 -5.92 -0.70
N LEU A 331 -17.51 -4.88 -1.49
CA LEU A 331 -18.83 -4.26 -1.56
C LEU A 331 -19.70 -4.78 -2.69
N GLY A 332 -19.29 -5.88 -3.32
CA GLY A 332 -20.10 -6.43 -4.39
C GLY A 332 -19.45 -6.40 -5.78
N GLY A 333 -18.23 -5.88 -5.87
CA GLY A 333 -17.54 -5.83 -7.15
C GLY A 333 -17.97 -4.72 -8.11
N ILE A 334 -19.04 -4.02 -7.78
CA ILE A 334 -19.50 -2.95 -8.66
C ILE A 334 -20.32 -1.96 -7.84
N ALA A 335 -20.05 -0.68 -8.02
CA ALA A 335 -20.75 0.37 -7.29
C ALA A 335 -20.84 1.60 -8.17
N ALA A 336 -21.59 2.60 -7.72
CA ALA A 336 -21.74 3.83 -8.50
C ALA A 336 -22.00 5.06 -7.66
N LEU A 337 -21.47 6.19 -8.11
CA LEU A 337 -21.69 7.46 -7.46
C LEU A 337 -22.83 8.08 -8.30
N LEU A 338 -23.96 8.34 -7.65
CA LEU A 338 -25.16 8.85 -8.32
C LEU A 338 -25.35 10.36 -8.44
N ARG A 339 -26.19 10.74 -9.40
CA ARG A 339 -26.53 12.14 -9.69
C ARG A 339 -27.68 12.55 -8.78
N PHE A 340 -28.39 11.55 -8.27
CA PHE A 340 -29.52 11.76 -7.39
C PHE A 340 -29.94 10.41 -6.80
N ASN A 341 -30.66 10.45 -5.68
CA ASN A 341 -31.10 9.22 -5.02
C ASN A 341 -32.09 8.52 -5.94
N VAL A 342 -32.30 7.23 -5.70
CA VAL A 342 -33.24 6.46 -6.51
C VAL A 342 -34.04 5.47 -5.67
N LYS A 343 -33.62 5.29 -4.43
CA LYS A 343 -34.32 4.37 -3.54
C LYS A 343 -35.79 4.71 -3.35
N GLY A 344 -36.13 5.99 -3.48
CA GLY A 344 -37.51 6.41 -3.32
C GLY A 344 -38.40 5.96 -4.48
N MET B 1 3.06 -6.12 20.91
CA MET B 1 3.61 -5.98 22.29
C MET B 1 4.73 -6.99 22.51
N GLN B 2 5.92 -6.48 22.79
CA GLN B 2 7.07 -7.32 23.05
C GLN B 2 7.37 -7.31 24.54
N ILE B 3 7.46 -8.50 25.13
CA ILE B 3 7.80 -8.60 26.54
C ILE B 3 9.28 -8.91 26.61
N VAL B 4 10.09 -7.87 26.80
CA VAL B 4 11.55 -8.03 26.86
C VAL B 4 11.94 -8.93 28.03
N GLU B 5 11.44 -8.63 29.23
CA GLU B 5 11.77 -9.43 30.40
C GLU B 5 10.87 -9.13 31.60
N GLU B 6 10.79 -10.08 32.53
CA GLU B 6 9.98 -9.94 33.74
C GLU B 6 10.63 -10.69 34.90
N ASN B 7 10.55 -10.13 36.10
CA ASN B 7 11.12 -10.73 37.29
C ASN B 7 10.12 -10.72 38.43
N LEU B 8 8.84 -10.83 38.10
CA LEU B 8 7.79 -10.82 39.08
C LEU B 8 7.88 -11.89 40.16
N ARG B 9 7.65 -11.46 41.41
CA ARG B 9 7.64 -12.36 42.55
C ARG B 9 6.40 -11.92 43.30
N ASP B 10 5.55 -12.88 43.66
CA ASP B 10 4.31 -12.57 44.36
C ASP B 10 3.57 -11.47 43.60
N ASN B 11 3.53 -11.61 42.28
CA ASN B 11 2.87 -10.65 41.40
C ASN B 11 3.37 -9.21 41.52
N GLU B 12 4.56 -9.03 42.06
CA GLU B 12 5.11 -7.69 42.20
C GLU B 12 6.49 -7.65 41.56
N GLY B 13 6.76 -6.58 40.82
CA GLY B 13 8.05 -6.48 40.19
C GLY B 13 8.10 -5.71 38.89
N GLU B 14 9.15 -5.97 38.13
CA GLU B 14 9.39 -5.28 36.87
C GLU B 14 9.09 -6.09 35.62
N ILE B 15 8.43 -5.44 34.66
CA ILE B 15 8.11 -6.02 33.36
C ILE B 15 8.59 -5.00 32.33
N LYS B 16 9.62 -5.39 31.56
CA LYS B 16 10.19 -4.55 30.52
C LYS B 16 9.57 -4.99 29.21
N LEU B 17 8.88 -4.07 28.54
CA LEU B 17 8.21 -4.42 27.30
C LEU B 17 8.21 -3.31 26.27
N ILE B 18 7.78 -3.64 25.06
CA ILE B 18 7.73 -2.70 23.95
C ILE B 18 6.38 -2.72 23.24
N PRO B 19 5.70 -1.57 23.15
CA PRO B 19 4.40 -1.49 22.48
C PRO B 19 4.66 -1.39 20.98
N GLU B 20 3.98 -2.24 20.19
CA GLU B 20 4.19 -2.27 18.76
C GLU B 20 3.05 -1.66 17.93
N THR B 21 1.87 -1.58 18.50
CA THR B 21 0.72 -1.01 17.80
C THR B 21 0.10 0.10 18.63
N LEU B 22 -0.93 0.74 18.10
CA LEU B 22 -1.61 1.81 18.83
C LEU B 22 -2.45 1.15 19.92
N ASP B 23 -2.82 -0.11 19.66
CA ASP B 23 -3.58 -0.94 20.60
C ASP B 23 -2.77 -1.04 21.90
N ASP B 24 -1.52 -1.48 21.75
CA ASP B 24 -0.61 -1.65 22.87
C ASP B 24 -0.46 -0.33 23.63
N LEU B 25 -0.26 0.76 22.90
CA LEU B 25 -0.07 2.06 23.52
C LEU B 25 -1.29 2.42 24.36
N TRP B 26 -2.47 2.18 23.81
CA TRP B 26 -3.72 2.46 24.50
C TRP B 26 -3.82 1.63 25.78
N HIS B 27 -3.50 0.34 25.69
CA HIS B 27 -3.55 -0.52 26.86
C HIS B 27 -2.55 -0.13 27.94
N LEU B 28 -1.38 0.33 27.54
CA LEU B 28 -0.36 0.74 28.49
C LEU B 28 -0.77 1.99 29.25
N ARG B 29 -1.66 2.79 28.63
CA ARG B 29 -2.13 4.01 29.25
C ARG B 29 -2.95 3.71 30.50
N PHE B 30 -3.70 2.61 30.45
CA PHE B 30 -4.53 2.22 31.57
C PHE B 30 -3.84 1.23 32.50
N ILE B 31 -2.71 0.68 32.04
CA ILE B 31 -1.94 -0.28 32.84
C ILE B 31 -1.01 0.47 33.78
N ILE B 32 -0.41 1.55 33.29
CA ILE B 32 0.47 2.36 34.10
C ILE B 32 -0.42 3.22 34.97
N GLU B 33 -0.23 3.14 36.28
CA GLU B 33 -1.06 3.90 37.21
C GLU B 33 -0.24 4.87 38.05
N LYS B 34 -0.89 5.94 38.49
CA LYS B 34 -0.23 6.92 39.34
C LYS B 34 0.25 6.10 40.53
N GLY B 35 1.53 6.22 40.87
CA GLY B 35 2.06 5.45 41.97
C GLY B 35 3.06 4.44 41.49
N ASP B 36 2.87 3.94 40.28
CA ASP B 36 3.80 2.97 39.73
C ASP B 36 5.13 3.68 39.51
N VAL B 37 6.13 2.91 39.11
CA VAL B 37 7.44 3.46 38.79
C VAL B 37 7.75 3.02 37.37
N VAL B 38 8.11 3.99 36.52
CA VAL B 38 8.42 3.67 35.13
C VAL B 38 9.81 4.11 34.74
N PHE B 39 10.49 3.26 33.98
CA PHE B 39 11.84 3.53 33.48
C PHE B 39 11.80 3.54 31.95
N ALA B 40 12.63 4.38 31.36
CA ALA B 40 12.70 4.50 29.90
C ALA B 40 13.80 5.49 29.55
N THR B 41 14.25 5.49 28.29
CA THR B 41 15.29 6.42 27.87
C THR B 41 14.61 7.72 27.46
N THR B 42 15.37 8.81 27.46
CA THR B 42 14.84 10.13 27.10
C THR B 42 14.60 10.28 25.60
N LYS B 43 13.77 11.27 25.26
CA LYS B 43 13.38 11.63 23.89
C LYS B 43 11.86 11.77 23.81
N THR B 60 21.74 8.84 25.92
CA THR B 60 21.14 10.06 26.41
C THR B 60 20.99 10.16 27.92
N VAL B 61 20.63 8.96 28.47
CA VAL B 61 20.09 8.90 29.81
C VAL B 61 19.27 7.61 29.94
N ARG B 62 18.82 7.41 31.16
CA ARG B 62 17.61 6.65 31.47
C ARG B 62 17.19 6.54 32.88
N LEU B 63 16.13 7.32 32.97
CA LEU B 63 15.48 7.64 34.21
C LEU B 63 14.31 6.84 34.69
N GLY B 64 14.06 6.93 35.99
CA GLY B 64 12.95 6.21 36.58
C GLY B 64 12.10 7.25 37.30
N ILE B 65 10.79 7.13 37.20
CA ILE B 65 9.92 8.08 37.85
C ILE B 65 8.75 7.43 38.56
N GLU B 66 8.19 8.16 39.53
CA GLU B 66 7.05 7.68 40.29
C GLU B 66 5.80 8.36 39.72
N VAL B 67 5.20 7.70 38.73
CA VAL B 67 4.02 8.20 38.06
C VAL B 67 3.07 9.01 38.92
N GLU B 68 2.81 10.23 38.50
CA GLU B 68 1.89 11.11 39.21
C GLU B 68 0.78 11.49 38.25
N LYS B 69 1.02 11.25 36.97
CA LYS B 69 0.03 11.53 35.94
C LYS B 69 0.33 10.71 34.68
N VAL B 70 -0.73 10.32 34.00
CA VAL B 70 -0.62 9.54 32.77
C VAL B 70 -1.76 9.98 31.88
N GLU B 71 -1.44 10.39 30.67
CA GLU B 71 -2.47 10.87 29.78
C GLU B 71 -1.94 10.83 28.36
N PHE B 72 -2.86 10.75 27.40
CA PHE B 72 -2.51 10.73 25.98
C PHE B 72 -2.24 12.17 25.55
N HIS B 73 -1.44 12.33 24.50
CA HIS B 73 -1.17 13.65 23.95
C HIS B 73 -2.41 13.99 23.14
N ARG B 74 -2.57 15.27 22.79
CA ARG B 74 -3.75 15.68 22.03
C ARG B 74 -3.55 15.78 20.52
N PHE B 75 -2.30 15.87 20.08
CA PHE B 75 -2.03 16.03 18.65
C PHE B 75 -1.11 14.98 18.05
N ALA B 76 -1.05 13.82 18.68
CA ALA B 76 -0.22 12.73 18.20
C ALA B 76 -0.44 11.49 19.06
N ASN B 77 -0.09 10.33 18.52
CA ASN B 77 -0.23 9.08 19.23
C ASN B 77 0.97 8.92 20.14
N ARG B 78 0.91 9.60 21.29
CA ARG B 78 1.98 9.55 22.29
C ARG B 78 1.41 9.55 23.69
N LEU B 79 2.00 8.74 24.56
CA LEU B 79 1.55 8.66 25.94
C LEU B 79 2.51 9.41 26.83
N ARG B 80 2.02 10.45 27.49
CA ARG B 80 2.85 11.26 28.38
C ARG B 80 2.77 10.68 29.79
N VAL B 81 3.92 10.36 30.38
CA VAL B 81 3.95 9.83 31.73
C VAL B 81 4.80 10.73 32.61
N SER B 82 4.16 11.40 33.56
CA SER B 82 4.86 12.32 34.46
C SER B 82 4.89 11.83 35.90
N GLY B 83 5.94 12.22 36.61
CA GLY B 83 6.07 11.83 38.01
C GLY B 83 7.34 12.38 38.62
N LYS B 84 7.56 12.11 39.91
CA LYS B 84 8.75 12.57 40.61
C LYS B 84 9.87 11.55 40.41
N ILE B 85 11.02 12.03 39.93
CA ILE B 85 12.15 11.15 39.70
C ILE B 85 12.53 10.39 40.97
N VAL B 86 12.52 9.05 40.87
CA VAL B 86 12.88 8.20 41.99
C VAL B 86 14.30 7.70 41.71
N ALA B 87 14.67 7.79 40.44
CA ALA B 87 15.99 7.37 39.96
C ALA B 87 16.04 7.48 38.45
N SER B 92 17.43 16.13 41.35
CA SER B 92 16.64 15.43 40.33
C SER B 92 15.31 16.13 40.10
N GLY B 93 14.34 15.84 40.96
CA GLY B 93 13.03 16.46 40.83
C GLY B 93 12.01 15.67 40.02
N TYR B 94 11.21 16.39 39.25
CA TYR B 94 10.17 15.77 38.42
C TYR B 94 10.60 15.70 36.96
N HIS B 95 10.12 14.69 36.27
CA HIS B 95 10.48 14.49 34.86
C HIS B 95 9.33 13.85 34.09
N THR B 96 9.36 14.00 32.78
CA THR B 96 8.31 13.44 31.93
C THR B 96 8.87 12.48 30.88
N LEU B 97 8.17 11.37 30.69
CA LEU B 97 8.56 10.36 29.72
C LEU B 97 7.50 10.26 28.64
N ASN B 98 7.93 10.29 27.38
CA ASN B 98 6.99 10.18 26.28
C ASN B 98 7.14 8.83 25.60
N ILE B 99 6.10 8.03 25.69
CA ILE B 99 6.09 6.68 25.13
C ILE B 99 5.36 6.61 23.79
N THR B 100 6.02 6.01 22.81
CA THR B 100 5.47 5.85 21.46
C THR B 100 5.63 4.39 21.03
N VAL B 101 4.96 3.99 19.95
CA VAL B 101 5.09 2.60 19.49
C VAL B 101 6.56 2.35 19.14
N GLY B 102 7.14 1.29 19.68
CA GLY B 102 8.52 0.99 19.37
C GLY B 102 9.53 1.39 20.44
N LYS B 103 9.09 2.21 21.40
CA LYS B 103 9.99 2.62 22.46
C LYS B 103 9.86 1.62 23.61
N GLU B 104 10.99 1.25 24.19
CA GLU B 104 11.01 0.31 25.30
C GLU B 104 10.78 1.04 26.62
N LEU B 105 10.13 0.37 27.56
CA LEU B 105 9.88 0.94 28.88
C LEU B 105 9.77 -0.16 29.95
N SER B 106 10.00 0.21 31.20
CA SER B 106 9.89 -0.71 32.32
C SER B 106 8.86 -0.18 33.30
N ILE B 107 7.92 -1.04 33.65
CA ILE B 107 6.87 -0.69 34.60
C ILE B 107 7.09 -1.58 35.81
N ILE B 108 7.39 -0.97 36.95
CA ILE B 108 7.60 -1.73 38.18
C ILE B 108 6.45 -1.43 39.12
N LYS B 109 5.73 -2.48 39.51
CA LYS B 109 4.58 -2.36 40.40
C LYS B 109 4.10 -3.73 40.89
N LYS B 110 3.01 -3.69 41.66
CA LYS B 110 2.37 -4.90 42.13
C LYS B 110 1.27 -5.04 41.11
N TRP B 111 1.38 -6.04 40.25
CA TRP B 111 0.40 -6.25 39.19
C TRP B 111 -0.91 -6.90 39.62
N LYS B 112 -1.99 -6.48 38.96
CA LYS B 112 -3.34 -7.01 39.20
C LYS B 112 -3.58 -8.05 38.10
N PRO B 113 -4.36 -9.09 38.38
CA PRO B 113 -4.67 -10.13 37.40
C PRO B 113 -5.18 -9.63 36.06
N GLU B 114 -6.01 -8.59 36.08
CA GLU B 114 -6.57 -8.04 34.85
C GLU B 114 -5.47 -7.47 33.96
N GLN B 115 -4.50 -6.81 34.57
CA GLN B 115 -3.40 -6.20 33.83
C GLN B 115 -2.57 -7.28 33.15
N LEU B 116 -2.06 -8.21 33.95
CA LEU B 116 -1.26 -9.30 33.40
C LEU B 116 -2.03 -9.99 32.28
N GLU B 117 -3.32 -10.25 32.52
CA GLU B 117 -4.13 -10.90 31.50
C GLU B 117 -4.11 -10.08 30.21
N ARG B 118 -4.30 -8.78 30.34
CA ARG B 118 -4.29 -7.92 29.16
C ARG B 118 -2.98 -8.02 28.41
N LEU B 119 -1.88 -8.13 29.14
CA LEU B 119 -0.58 -8.25 28.49
C LEU B 119 -0.46 -9.56 27.74
N ARG B 120 -1.14 -10.59 28.22
CA ARG B 120 -1.09 -11.88 27.55
C ARG B 120 -1.89 -11.81 26.26
N ARG B 121 -3.00 -11.07 26.29
CA ARG B 121 -3.82 -10.93 25.09
C ARG B 121 -3.13 -10.06 24.06
N ALA B 122 -2.37 -9.06 24.52
CA ALA B 122 -1.65 -8.18 23.61
C ALA B 122 -0.54 -9.02 22.97
N VAL B 123 0.17 -9.78 23.80
CA VAL B 123 1.24 -10.64 23.32
C VAL B 123 0.68 -11.59 22.27
N GLU B 124 -0.56 -12.02 22.47
CA GLU B 124 -1.20 -12.91 21.52
C GLU B 124 -1.46 -12.21 20.20
N ASP B 125 -1.99 -11.01 20.27
CA ASP B 125 -2.29 -10.25 19.06
C ASP B 125 -1.04 -9.79 18.34
N SER B 126 0.12 -10.15 18.89
CA SER B 126 1.39 -9.71 18.30
C SER B 126 2.30 -10.87 17.90
N ASN B 127 1.74 -12.06 17.76
CA ASN B 127 2.52 -13.23 17.40
C ASN B 127 3.18 -13.15 16.02
N ARG B 128 4.47 -13.47 15.98
CA ARG B 128 5.25 -13.44 14.74
C ARG B 128 5.00 -14.74 13.98
N PRO B 129 5.12 -14.70 12.64
CA PRO B 129 4.91 -15.90 11.83
C PRO B 129 6.25 -16.60 11.63
N GLU B 130 6.24 -17.87 11.24
CA GLU B 130 7.49 -18.59 11.00
C GLU B 130 8.29 -17.82 9.96
N ILE B 131 9.46 -17.32 10.36
CA ILE B 131 10.31 -16.56 9.44
C ILE B 131 11.65 -17.24 9.26
N VAL B 132 12.06 -17.43 8.01
CA VAL B 132 13.34 -18.03 7.71
C VAL B 132 14.20 -17.03 6.98
N MET B 133 15.49 -17.02 7.31
CA MET B 133 16.44 -16.10 6.69
C MET B 133 17.45 -16.91 5.88
N LEU B 134 17.56 -16.61 4.58
CA LEU B 134 18.52 -17.31 3.72
C LEU B 134 19.60 -16.37 3.22
N THR B 135 20.84 -16.63 3.61
CA THR B 135 21.97 -15.84 3.14
C THR B 135 22.56 -16.69 2.01
N ILE B 136 22.80 -16.07 0.86
CA ILE B 136 23.32 -16.84 -0.26
C ILE B 136 24.23 -16.06 -1.18
N GLU B 137 25.23 -16.76 -1.72
CA GLU B 137 26.18 -16.19 -2.64
C GLU B 137 26.45 -17.25 -3.71
N GLU B 138 27.05 -16.82 -4.81
CA GLU B 138 27.35 -17.71 -5.94
C GLU B 138 27.35 -19.21 -5.72
N GLY B 139 28.11 -19.69 -4.73
CA GLY B 139 28.12 -21.12 -4.49
C GLY B 139 28.10 -21.49 -3.03
N TYR B 140 27.37 -20.74 -2.23
CA TYR B 140 27.29 -20.99 -0.80
C TYR B 140 26.00 -20.43 -0.19
N ALA B 141 25.32 -21.26 0.59
CA ALA B 141 24.08 -20.86 1.24
C ALA B 141 23.94 -21.41 2.65
N VAL B 142 23.31 -20.64 3.51
CA VAL B 142 23.07 -21.02 4.90
C VAL B 142 21.84 -20.24 5.37
N ALA B 143 20.82 -20.96 5.82
CA ALA B 143 19.59 -20.31 6.25
C ALA B 143 19.09 -20.80 7.59
N GLY B 144 18.66 -19.88 8.45
CA GLY B 144 18.15 -20.22 9.77
C GLY B 144 16.74 -19.74 10.03
N VAL B 145 16.03 -20.43 10.94
CA VAL B 145 14.66 -20.06 11.30
C VAL B 145 14.70 -19.34 12.64
N LEU B 146 13.84 -18.33 12.80
CA LEU B 146 13.79 -17.56 14.04
C LEU B 146 13.18 -18.37 15.18
N ARG B 147 13.85 -18.38 16.33
CA ARG B 147 13.36 -19.14 17.49
C ARG B 147 13.44 -18.32 18.79
N GLN B 148 13.79 -17.05 18.64
CA GLN B 148 13.91 -16.11 19.74
C GLN B 148 15.03 -16.39 20.74
N TRP B 149 15.60 -17.59 20.69
CA TRP B 149 16.74 -17.87 21.55
C TRP B 149 17.83 -17.57 20.52
N GLY B 150 17.36 -16.92 19.45
CA GLY B 150 18.19 -16.54 18.33
C GLY B 150 17.59 -17.24 17.11
N VAL B 151 18.41 -17.49 16.09
CA VAL B 151 17.94 -18.20 14.91
C VAL B 151 18.84 -19.40 14.65
N GLU B 152 18.23 -20.59 14.67
CA GLU B 152 18.96 -21.85 14.44
C GLU B 152 19.18 -22.05 12.95
N GLU B 153 20.44 -22.23 12.57
CA GLU B 153 20.77 -22.35 11.16
C GLU B 153 19.72 -22.95 10.23
N ILE B 154 19.38 -24.17 10.59
CA ILE B 154 18.66 -25.30 10.02
C ILE B 154 19.06 -25.80 8.65
N PHE B 155 20.25 -25.33 8.21
CA PHE B 155 20.95 -25.98 7.07
C PHE B 155 22.02 -25.10 6.48
N GLU B 156 22.94 -25.71 5.72
CA GLU B 156 24.04 -24.98 5.11
C GLU B 156 24.52 -25.71 3.87
N GLU B 157 24.44 -25.03 2.72
CA GLU B 157 24.78 -25.63 1.44
C GLU B 157 25.88 -25.00 0.62
N ARG B 158 26.53 -25.85 -0.18
CA ARG B 158 27.62 -25.44 -1.07
C ARG B 158 27.40 -26.25 -2.34
N MET B 159 27.89 -25.78 -3.48
CA MET B 159 27.70 -26.56 -4.69
C MET B 159 28.80 -27.62 -4.84
N GLY B 160 28.38 -28.85 -5.09
CA GLY B 160 29.31 -29.95 -5.25
C GLY B 160 29.73 -30.13 -6.70
N TYR B 161 30.69 -31.02 -6.95
CA TYR B 161 31.17 -31.25 -8.32
C TYR B 161 31.40 -32.74 -8.58
N LYS B 170 24.73 -24.34 -10.76
CA LYS B 170 24.43 -25.71 -11.31
C LYS B 170 23.41 -26.30 -10.49
N GLU B 171 22.54 -25.38 -10.91
CA GLU B 171 21.38 -25.21 -10.15
C GLU B 171 21.44 -25.90 -8.83
N PHE B 172 22.33 -25.42 -7.94
CA PHE B 172 22.37 -26.01 -6.60
C PHE B 172 21.26 -25.21 -5.90
N PHE B 173 20.67 -24.29 -6.68
CA PHE B 173 19.55 -23.46 -6.21
C PHE B 173 18.42 -24.42 -5.85
N GLY B 174 18.43 -25.58 -6.50
CA GLY B 174 17.48 -26.65 -6.22
C GLY B 174 17.69 -27.30 -4.88
N GLU B 175 18.88 -27.78 -4.49
CA GLU B 175 18.89 -28.29 -3.09
C GLU B 175 18.65 -27.05 -2.19
N VAL B 176 18.70 -25.81 -2.65
CA VAL B 176 18.37 -24.89 -1.58
C VAL B 176 16.86 -24.64 -1.48
N ALA B 177 16.30 -24.22 -2.61
CA ALA B 177 14.89 -23.88 -2.68
C ALA B 177 13.98 -25.04 -2.37
N ALA B 178 14.32 -26.20 -2.89
CA ALA B 178 13.55 -27.40 -2.63
C ALA B 178 13.65 -27.64 -1.13
N LYS B 179 14.78 -27.27 -0.54
CA LYS B 179 14.99 -27.49 0.89
C LYS B 179 14.22 -26.46 1.70
N LEU B 180 14.10 -25.23 1.20
CA LEU B 180 13.31 -24.21 1.91
C LEU B 180 11.84 -24.63 1.88
N GLU B 181 11.32 -24.96 0.69
CA GLU B 181 9.94 -25.43 0.55
C GLU B 181 9.84 -26.79 1.27
N SER B 182 10.90 -27.18 1.98
CA SER B 182 10.90 -28.45 2.69
C SER B 182 10.71 -28.24 4.19
N PHE B 183 11.19 -27.10 4.68
CA PHE B 183 11.12 -26.74 6.09
C PHE B 183 9.75 -26.27 6.55
N ASP B 184 9.10 -25.49 5.70
CA ASP B 184 7.78 -24.94 5.96
C ASP B 184 7.83 -23.72 6.89
N PHE B 185 7.51 -22.57 6.33
CA PHE B 185 7.52 -21.31 7.05
C PHE B 185 6.64 -20.37 6.24
N LYS B 186 6.41 -19.16 6.75
CA LYS B 186 5.55 -18.20 6.06
C LYS B 186 6.31 -17.18 5.23
N TYR B 187 7.29 -16.51 5.84
CA TYR B 187 8.06 -15.50 5.14
C TYR B 187 9.52 -15.81 5.01
N LEU B 188 10.08 -15.42 3.87
CA LEU B 188 11.48 -15.66 3.59
C LEU B 188 12.24 -14.37 3.39
N ILE B 189 13.37 -14.25 4.07
CA ILE B 189 14.23 -13.09 3.92
C ILE B 189 15.44 -13.65 3.15
N VAL B 190 15.66 -13.18 1.94
CA VAL B 190 16.80 -13.64 1.15
C VAL B 190 17.86 -12.54 1.18
N ALA B 191 18.99 -12.85 1.79
CA ALA B 191 20.07 -11.88 1.91
C ALA B 191 21.39 -12.42 1.39
N GLY B 192 22.44 -11.61 1.53
CA GLY B 192 23.75 -12.01 1.07
C GLY B 192 24.42 -11.00 0.14
N PRO B 193 25.76 -11.03 0.03
CA PRO B 193 26.51 -10.12 -0.84
C PRO B 193 26.33 -10.50 -2.31
N GLY B 194 26.84 -9.64 -3.18
CA GLY B 194 26.72 -9.85 -4.58
C GLY B 194 25.30 -9.73 -4.98
N PHE B 195 25.04 -10.44 -6.07
CA PHE B 195 23.69 -10.45 -6.71
C PHE B 195 23.25 -11.94 -6.56
N ALA B 196 23.88 -12.92 -6.01
CA ALA B 196 23.17 -14.17 -6.15
C ALA B 196 21.67 -14.19 -5.55
N LYS B 197 21.51 -13.41 -4.49
CA LYS B 197 20.26 -13.30 -3.76
C LYS B 197 19.19 -12.82 -4.70
N ASN B 198 19.52 -11.79 -5.47
CA ASN B 198 18.61 -11.21 -6.45
C ASN B 198 18.29 -12.26 -7.50
N ASP B 199 19.27 -13.13 -7.78
CA ASP B 199 19.08 -14.16 -8.79
C ASP B 199 18.32 -15.37 -8.24
N PHE B 200 18.49 -15.64 -6.95
CA PHE B 200 17.78 -16.76 -6.35
C PHE B 200 16.30 -16.39 -6.23
N LEU B 201 16.04 -15.11 -5.99
CA LEU B 201 14.66 -14.65 -5.88
C LEU B 201 13.99 -14.73 -7.24
N ASP B 202 14.67 -14.23 -8.29
CA ASP B 202 14.10 -14.28 -9.63
C ASP B 202 13.77 -15.74 -9.89
N PHE B 203 14.66 -16.62 -9.45
CA PHE B 203 14.48 -18.05 -9.60
C PHE B 203 13.12 -18.44 -9.01
N LEU B 204 12.91 -18.05 -7.75
CA LEU B 204 11.66 -18.37 -7.05
C LEU B 204 10.43 -17.80 -7.74
N LYS B 205 10.45 -16.51 -8.06
CA LYS B 205 9.32 -15.88 -8.72
C LYS B 205 8.85 -16.69 -9.93
N GLU B 206 9.80 -17.32 -10.62
CA GLU B 206 9.50 -18.12 -11.80
C GLU B 206 9.16 -19.59 -11.56
N ARG B 207 9.75 -20.22 -10.56
CA ARG B 207 9.50 -21.64 -10.28
C ARG B 207 8.90 -21.90 -8.90
N TYR B 208 8.77 -20.86 -8.11
CA TYR B 208 8.21 -20.94 -6.76
C TYR B 208 7.52 -19.62 -6.45
N PRO B 209 6.40 -19.34 -7.16
CA PRO B 209 5.63 -18.10 -6.99
C PRO B 209 5.08 -17.85 -5.59
N GLU B 210 4.48 -18.88 -4.99
CA GLU B 210 3.93 -18.71 -3.67
C GLU B 210 5.01 -18.35 -2.65
N MET B 211 6.13 -19.06 -2.70
CA MET B 211 7.21 -18.78 -1.76
C MET B 211 7.77 -17.38 -2.00
N ALA B 212 7.82 -16.98 -3.27
CA ALA B 212 8.35 -15.68 -3.65
C ALA B 212 7.52 -14.50 -3.14
N LYS B 213 6.19 -14.56 -3.29
CA LYS B 213 5.32 -13.48 -2.84
C LYS B 213 5.53 -13.14 -1.38
N ASN B 214 5.94 -14.14 -0.60
CA ASN B 214 6.20 -13.95 0.81
C ASN B 214 7.70 -13.94 1.05
N ALA B 215 8.44 -13.38 0.09
CA ALA B 215 9.89 -13.33 0.21
C ALA B 215 10.39 -11.93 -0.05
N VAL B 216 11.45 -11.55 0.67
CA VAL B 216 12.03 -10.22 0.50
C VAL B 216 13.54 -10.33 0.45
N VAL B 217 14.16 -9.42 -0.29
CA VAL B 217 15.61 -9.39 -0.43
C VAL B 217 16.18 -8.18 0.28
N VAL B 218 17.22 -8.41 1.07
CA VAL B 218 17.88 -7.31 1.77
C VAL B 218 19.31 -7.27 1.27
N ASP B 219 19.98 -6.15 1.53
CA ASP B 219 21.35 -5.98 1.10
C ASP B 219 22.33 -6.07 2.25
N VAL B 220 23.52 -6.61 1.97
CA VAL B 220 24.57 -6.74 2.97
C VAL B 220 25.63 -7.74 2.49
N SER B 221 26.86 -7.53 2.93
CA SER B 221 27.97 -8.40 2.54
C SER B 221 28.05 -9.57 3.53
N SER B 222 27.15 -9.57 4.49
CA SER B 222 27.10 -10.60 5.51
C SER B 222 26.71 -11.94 4.92
N VAL B 223 26.87 -13.00 5.71
CA VAL B 223 26.53 -14.36 5.29
C VAL B 223 26.60 -15.24 6.54
N GLY B 224 25.84 -16.33 6.54
CA GLY B 224 25.85 -17.21 7.68
C GLY B 224 25.41 -16.50 8.95
N SER B 225 25.71 -17.09 10.12
CA SER B 225 25.33 -16.51 11.40
C SER B 225 25.62 -15.01 11.49
N ARG B 226 26.66 -14.55 10.79
CA ARG B 226 26.97 -13.13 10.83
C ARG B 226 25.86 -12.37 10.14
N GLY B 227 25.33 -12.96 9.08
CA GLY B 227 24.23 -12.33 8.34
C GLY B 227 22.96 -12.33 9.18
N PHE B 228 22.63 -13.49 9.72
CA PHE B 228 21.45 -13.63 10.56
C PHE B 228 21.43 -12.53 11.61
N ILE B 229 22.60 -12.22 12.15
CA ILE B 229 22.74 -11.21 13.19
C ILE B 229 22.60 -9.79 12.65
N GLU B 230 22.97 -9.58 11.40
CA GLU B 230 22.86 -8.26 10.82
C GLU B 230 21.42 -7.96 10.39
N ILE B 231 20.74 -8.98 9.87
CA ILE B 231 19.36 -8.79 9.43
C ILE B 231 18.55 -8.43 10.67
N LEU B 232 18.79 -9.14 11.76
CA LEU B 232 18.09 -8.89 13.02
C LEU B 232 18.36 -7.46 13.48
N LYS B 233 19.49 -6.91 13.03
CA LYS B 233 19.84 -5.56 13.42
C LYS B 233 19.07 -4.51 12.61
N ARG B 234 18.93 -4.75 11.31
CA ARG B 234 18.23 -3.81 10.42
C ARG B 234 16.69 -3.84 10.50
N ARG B 235 16.18 -4.44 11.57
CA ARG B 235 14.74 -4.53 11.83
C ARG B 235 13.82 -5.10 10.73
N VAL B 236 14.34 -6.03 9.93
CA VAL B 236 13.54 -6.63 8.87
C VAL B 236 12.33 -7.33 9.46
N VAL B 237 12.55 -8.12 10.50
CA VAL B 237 11.45 -8.84 11.12
C VAL B 237 10.35 -7.89 11.57
N ASP B 238 10.74 -6.83 12.28
CA ASP B 238 9.77 -5.85 12.78
C ASP B 238 8.98 -5.29 11.60
N LYS B 239 9.69 -4.96 10.52
CA LYS B 239 9.04 -4.41 9.33
C LYS B 239 8.01 -5.39 8.78
N ILE B 240 8.37 -6.67 8.75
CA ILE B 240 7.46 -7.69 8.25
C ILE B 240 6.25 -7.74 9.19
N VAL B 241 6.53 -7.81 10.48
CA VAL B 241 5.48 -7.82 11.49
C VAL B 241 4.50 -6.71 11.19
N GLY B 242 5.03 -5.52 10.92
CA GLY B 242 4.21 -4.37 10.61
C GLY B 242 3.28 -4.62 9.45
N GLU B 243 3.83 -5.02 8.30
CA GLU B 243 3.03 -5.30 7.12
C GLU B 243 1.95 -6.31 7.48
N VAL B 244 2.31 -7.31 8.28
CA VAL B 244 1.36 -8.34 8.70
C VAL B 244 0.15 -7.70 9.38
N ARG B 245 0.41 -6.83 10.34
CA ARG B 245 -0.63 -6.13 11.08
C ARG B 245 -1.49 -5.30 10.12
N LEU B 246 -0.84 -4.56 9.24
CA LEU B 246 -1.60 -3.74 8.31
C LEU B 246 -2.51 -4.63 7.49
N ALA B 247 -2.03 -5.82 7.16
CA ALA B 247 -2.82 -6.78 6.39
C ALA B 247 -4.03 -7.17 7.21
N GLU B 248 -3.82 -7.37 8.50
CA GLU B 248 -4.90 -7.74 9.40
C GLU B 248 -5.93 -6.61 9.46
N GLU B 249 -5.45 -5.36 9.43
CA GLU B 249 -6.36 -4.23 9.45
C GLU B 249 -7.21 -4.16 8.17
N ALA B 250 -6.58 -4.42 7.03
CA ALA B 250 -7.31 -4.39 5.76
C ALA B 250 -8.39 -5.47 5.76
N GLU B 251 -8.08 -6.60 6.37
CA GLU B 251 -9.02 -7.71 6.46
C GLU B 251 -10.24 -7.29 7.28
N TYR B 252 -10.01 -6.57 8.38
CA TYR B 252 -11.12 -6.11 9.19
C TYR B 252 -11.99 -5.21 8.34
N ILE B 253 -11.35 -4.35 7.55
CA ILE B 253 -12.08 -3.44 6.69
C ILE B 253 -12.91 -4.21 5.66
N ASP B 254 -12.36 -5.29 5.13
CA ASP B 254 -13.11 -6.09 4.15
C ASP B 254 -14.31 -6.77 4.79
N ARG B 255 -14.16 -7.28 6.01
CA ARG B 255 -15.27 -7.94 6.69
C ARG B 255 -16.37 -6.91 6.92
N LEU B 256 -15.96 -5.74 7.36
CA LEU B 256 -16.89 -4.66 7.61
C LEU B 256 -17.64 -4.33 6.32
N LEU B 257 -16.91 -4.26 5.22
CA LEU B 257 -17.50 -3.95 3.94
C LEU B 257 -18.45 -5.03 3.47
N GLU B 258 -18.04 -6.29 3.63
CA GLU B 258 -18.89 -7.41 3.23
C GLU B 258 -20.17 -7.35 4.04
N GLY B 259 -20.03 -6.96 5.31
CA GLY B 259 -21.19 -6.85 6.18
C GLY B 259 -22.11 -5.77 5.65
N ILE B 260 -21.57 -4.59 5.39
CA ILE B 260 -22.36 -3.49 4.86
C ILE B 260 -23.04 -3.92 3.58
N ALA B 261 -22.34 -4.75 2.80
CA ALA B 261 -22.88 -5.25 1.55
C ALA B 261 -24.04 -6.20 1.81
N LYS B 262 -23.87 -7.11 2.77
CA LYS B 262 -24.91 -8.06 3.13
C LYS B 262 -25.98 -7.43 4.01
N GLY B 263 -25.69 -6.24 4.54
CA GLY B 263 -26.64 -5.57 5.40
C GLY B 263 -26.93 -6.32 6.70
N GLU B 264 -25.89 -6.88 7.32
CA GLU B 264 -26.08 -7.61 8.57
C GLU B 264 -24.82 -7.66 9.44
N ARG B 265 -25.03 -7.62 10.75
CA ARG B 265 -23.96 -7.70 11.75
C ARG B 265 -22.87 -6.62 11.73
N VAL B 266 -23.23 -5.40 11.35
CA VAL B 266 -22.24 -4.33 11.32
C VAL B 266 -22.81 -2.96 11.67
N ALA B 267 -21.96 -2.11 12.24
CA ALA B 267 -22.35 -0.75 12.60
C ALA B 267 -21.22 0.19 12.23
N TYR B 268 -21.57 1.38 11.78
CA TYR B 268 -20.58 2.39 11.42
C TYR B 268 -21.07 3.78 11.78
N GLY B 269 -20.20 4.56 12.42
CA GLY B 269 -20.56 5.88 12.86
C GLY B 269 -20.72 5.73 14.36
N LEU B 270 -20.34 6.74 15.13
CA LEU B 270 -20.45 6.64 16.58
C LEU B 270 -21.86 6.27 17.00
N ASP B 271 -22.86 6.83 16.32
CA ASP B 271 -24.25 6.54 16.64
C ASP B 271 -24.57 5.05 16.56
N GLU B 272 -24.41 4.44 15.39
CA GLU B 272 -24.71 3.01 15.26
C GLU B 272 -23.91 2.15 16.23
N VAL B 273 -22.62 2.48 16.40
CA VAL B 273 -21.76 1.73 17.30
C VAL B 273 -22.30 1.80 18.72
N ARG B 274 -22.72 2.98 19.14
CA ARG B 274 -23.28 3.15 20.47
C ARG B 274 -24.53 2.29 20.62
N GLU B 275 -25.48 2.47 19.70
CA GLU B 275 -26.71 1.70 19.74
C GLU B 275 -26.38 0.21 19.83
N ALA B 276 -25.44 -0.23 19.01
CA ALA B 276 -25.04 -1.63 19.00
C ALA B 276 -24.44 -2.00 20.35
N HIS B 277 -23.87 -0.99 21.01
CA HIS B 277 -23.26 -1.21 22.32
C HIS B 277 -24.33 -1.25 23.40
N ASN B 278 -25.32 -0.38 23.28
CA ASN B 278 -26.40 -0.34 24.24
C ASN B 278 -26.97 -1.74 24.28
N TYR B 279 -26.81 -2.45 23.17
CA TYR B 279 -27.27 -3.83 23.02
C TYR B 279 -26.14 -4.84 23.25
N ARG B 280 -24.96 -4.32 23.59
CA ARG B 280 -23.77 -5.16 23.84
C ARG B 280 -23.55 -6.23 22.77
N ALA B 281 -23.61 -5.81 21.51
CA ALA B 281 -23.44 -6.71 20.37
C ALA B 281 -22.04 -6.68 19.74
N ILE B 282 -21.24 -5.70 20.12
CA ILE B 282 -19.91 -5.56 19.55
C ILE B 282 -18.92 -6.68 19.86
N GLU B 283 -18.43 -7.31 18.79
CA GLU B 283 -17.46 -8.39 18.86
C GLU B 283 -16.05 -7.83 18.57
N VAL B 284 -16.00 -6.90 17.62
CA VAL B 284 -14.74 -6.25 17.27
C VAL B 284 -15.04 -4.79 16.99
N LEU B 285 -14.40 -3.90 17.75
CA LEU B 285 -14.58 -2.47 17.57
C LEU B 285 -13.40 -1.94 16.74
N LEU B 286 -13.71 -1.29 15.63
CA LEU B 286 -12.69 -0.74 14.75
C LEU B 286 -12.71 0.78 14.85
N VAL B 287 -11.61 1.36 15.32
CA VAL B 287 -11.57 2.82 15.45
C VAL B 287 -10.30 3.43 14.85
N ALA B 288 -10.47 4.54 14.15
CA ALA B 288 -9.35 5.26 13.54
C ALA B 288 -8.66 6.04 14.65
N ASP B 289 -7.33 6.18 14.55
CA ASP B 289 -6.61 6.90 15.58
C ASP B 289 -6.99 8.37 15.60
N GLU B 290 -7.32 8.93 14.45
CA GLU B 290 -7.70 10.33 14.37
C GLU B 290 -9.05 10.56 15.05
N PHE B 291 -9.95 9.59 14.93
CA PHE B 291 -11.26 9.68 15.56
C PHE B 291 -11.08 9.81 17.07
N LEU B 292 -10.15 9.05 17.63
CA LEU B 292 -9.93 9.10 19.07
C LEU B 292 -9.42 10.46 19.54
N LEU B 293 -8.45 11.03 18.84
CA LEU B 293 -7.91 12.34 19.23
C LEU B 293 -8.95 13.45 19.23
N GLU B 294 -9.85 13.41 18.25
CA GLU B 294 -10.92 14.40 18.09
C GLU B 294 -12.03 14.21 19.13
N GLU B 295 -12.50 12.98 19.27
CA GLU B 295 -13.57 12.68 20.20
C GLU B 295 -13.15 12.85 21.65
N ARG B 296 -11.91 12.53 21.97
CA ARG B 296 -11.45 12.63 23.34
C ARG B 296 -11.50 14.07 23.85
N GLU B 297 -11.63 15.01 22.92
CA GLU B 297 -11.72 16.43 23.25
C GLU B 297 -13.15 16.74 23.71
N LYS B 298 -14.10 15.94 23.26
CA LYS B 298 -15.51 16.12 23.58
C LYS B 298 -16.10 15.25 24.68
N TRP B 299 -15.70 13.98 24.75
CA TRP B 299 -16.23 13.09 25.76
C TRP B 299 -15.27 11.96 26.08
N ASP B 300 -15.58 11.18 27.11
CA ASP B 300 -14.69 10.08 27.48
C ASP B 300 -14.85 8.92 26.51
N VAL B 301 -14.48 9.17 25.26
CA VAL B 301 -14.54 8.17 24.21
C VAL B 301 -13.86 6.85 24.65
N ASP B 302 -12.74 6.95 25.38
CA ASP B 302 -12.00 5.77 25.84
C ASP B 302 -12.88 4.91 26.71
N GLY B 303 -13.84 5.53 27.38
CA GLY B 303 -14.74 4.79 28.23
C GLY B 303 -15.47 3.75 27.41
N LEU B 304 -15.89 4.16 26.21
CA LEU B 304 -16.60 3.25 25.31
C LEU B 304 -15.72 2.05 24.98
N LEU B 305 -14.45 2.30 24.68
CA LEU B 305 -13.54 1.21 24.36
C LEU B 305 -13.42 0.25 25.53
N ARG B 306 -13.18 0.80 26.72
CA ARG B 306 -13.04 0.00 27.92
C ARG B 306 -14.24 -0.91 28.13
N GLU B 307 -15.44 -0.35 27.98
CA GLU B 307 -16.66 -1.12 28.15
C GLU B 307 -16.76 -2.25 27.14
N VAL B 308 -16.37 -1.97 25.90
CA VAL B 308 -16.40 -3.00 24.86
C VAL B 308 -15.50 -4.18 25.27
N GLU B 309 -14.30 -3.87 25.76
CA GLU B 309 -13.38 -4.91 26.18
C GLU B 309 -13.89 -5.66 27.41
N GLU B 310 -14.52 -4.92 28.33
CA GLU B 310 -15.02 -5.54 29.54
C GLU B 310 -16.06 -6.60 29.19
N SER B 311 -16.64 -6.46 28.01
CA SER B 311 -17.65 -7.42 27.55
C SER B 311 -17.11 -8.53 26.63
N GLY B 312 -15.79 -8.72 26.65
CA GLY B 312 -15.19 -9.75 25.82
C GLY B 312 -14.87 -9.37 24.38
N GLY B 313 -15.31 -8.18 23.98
CA GLY B 313 -15.06 -7.71 22.62
C GLY B 313 -13.70 -7.06 22.47
N LYS B 314 -13.11 -7.15 21.29
CA LYS B 314 -11.78 -6.59 21.07
C LYS B 314 -11.72 -5.27 20.30
N VAL B 315 -10.77 -4.44 20.70
CA VAL B 315 -10.54 -3.13 20.10
C VAL B 315 -9.38 -3.16 19.12
N VAL B 316 -9.56 -2.48 17.99
CA VAL B 316 -8.53 -2.42 16.95
C VAL B 316 -8.37 -0.98 16.48
N ILE B 317 -7.30 -0.34 16.92
CA ILE B 317 -7.02 1.04 16.54
C ILE B 317 -6.16 1.07 15.27
N MET B 318 -6.74 1.54 14.17
CA MET B 318 -6.02 1.64 12.91
C MET B 318 -5.54 3.07 12.73
N SER B 319 -4.27 3.25 12.39
CA SER B 319 -3.74 4.59 12.16
C SER B 319 -4.14 5.09 10.80
N THR B 320 -4.50 6.38 10.73
CA THR B 320 -4.88 6.98 9.46
C THR B 320 -3.66 7.24 8.59
N GLU B 321 -2.46 6.98 9.13
CA GLU B 321 -1.25 7.15 8.36
C GLU B 321 -1.30 6.20 7.17
N PHE B 322 -1.96 5.06 7.38
CA PHE B 322 -2.10 4.03 6.35
C PHE B 322 -3.49 3.97 5.73
N GLU B 323 -3.68 3.05 4.79
CA GLU B 323 -4.93 2.92 4.08
C GLU B 323 -6.14 2.39 4.83
N PRO B 324 -5.96 1.32 5.61
CA PRO B 324 -7.13 0.79 6.34
C PRO B 324 -7.80 1.88 7.19
N GLY B 325 -6.99 2.63 7.93
CA GLY B 325 -7.53 3.69 8.76
C GLY B 325 -8.29 4.74 7.96
N LYS B 326 -7.71 5.17 6.83
CA LYS B 326 -8.36 6.16 6.00
C LYS B 326 -9.72 5.65 5.57
N ARG B 327 -9.77 4.42 5.07
CA ARG B 327 -11.05 3.85 4.65
C ARG B 327 -12.05 3.93 5.81
N LEU B 328 -11.58 3.66 7.02
CA LEU B 328 -12.46 3.70 8.20
C LEU B 328 -13.00 5.11 8.43
N MET B 329 -12.13 6.11 8.35
CA MET B 329 -12.56 7.49 8.55
C MET B 329 -13.68 7.86 7.59
N SER B 330 -13.62 7.32 6.37
CA SER B 330 -14.64 7.61 5.38
C SER B 330 -15.99 7.02 5.77
N LEU B 331 -15.96 6.08 6.71
CA LEU B 331 -17.19 5.45 7.18
C LEU B 331 -17.65 6.11 8.48
N GLY B 332 -16.87 7.07 8.99
CA GLY B 332 -17.23 7.75 10.22
C GLY B 332 -16.17 7.74 11.31
N GLY B 333 -15.06 7.05 11.08
CA GLY B 333 -14.01 7.00 12.08
C GLY B 333 -14.16 5.88 13.08
N ILE B 334 -15.35 5.29 13.14
CA ILE B 334 -15.55 4.18 14.06
C ILE B 334 -16.61 3.27 13.49
N ALA B 335 -16.54 2.00 13.86
CA ALA B 335 -17.46 0.98 13.38
C ALA B 335 -17.17 -0.29 14.15
N ALA B 336 -17.93 -1.34 13.87
CA ALA B 336 -17.72 -2.61 14.56
C ALA B 336 -18.33 -3.81 13.87
N LEU B 337 -17.79 -4.98 14.17
CA LEU B 337 -18.28 -6.23 13.63
C LEU B 337 -19.14 -6.81 14.77
N LEU B 338 -20.45 -6.88 14.54
CA LEU B 338 -21.40 -7.34 15.55
C LEU B 338 -21.59 -8.83 15.75
N ARG B 339 -22.19 -9.19 16.89
CA ARG B 339 -22.47 -10.59 17.25
C ARG B 339 -23.87 -10.94 16.75
N PHE B 340 -24.69 -9.92 16.57
CA PHE B 340 -26.05 -10.12 16.08
C PHE B 340 -26.58 -8.81 15.53
N ASN B 341 -27.69 -8.91 14.81
CA ASN B 341 -28.31 -7.76 14.17
C ASN B 341 -28.93 -6.76 15.13
N VAL B 342 -28.50 -5.51 15.03
CA VAL B 342 -29.03 -4.44 15.86
C VAL B 342 -30.15 -3.74 15.10
N LYS B 343 -29.81 -2.89 14.14
CA LYS B 343 -30.85 -2.21 13.38
C LYS B 343 -30.40 -1.36 12.21
N GLY B 344 -30.67 -1.86 11.00
CA GLY B 344 -30.33 -1.16 9.78
C GLY B 344 -31.44 -1.36 8.75
#